data_6TAB
#
_entry.id   6TAB
#
_cell.length_a   48.858
_cell.length_b   64.670
_cell.length_c   82.692
_cell.angle_alpha   90.000
_cell.angle_beta   90.000
_cell.angle_gamma   90.000
#
_symmetry.space_group_name_H-M   'P 21 21 21'
#
loop_
_entity.id
_entity.type
_entity.pdbx_description
1 polymer 'SLT domain-containing protein'
2 non-polymer 'SULFATE ION'
3 water water
#
_entity_poly.entity_id   1
_entity_poly.type   'polypeptide(L)'
_entity_poly.pdbx_seq_one_letter_code
;MKNTPQHKLFFVVALLLVVQILAGCKSSSSTTAGSTENSSSSTPDPDTGTTTPDPIEPEVVPPVTPPSVDSNSREVIPLW
EDKVADGKAWSTHVYSALDKLGPNLLDVIPADRSLFCPKYSSLSYAQRKQYWAFVLSSMVRFESNFKTAMSYTEDFNDSN
GNRVISRGLLQISIESGNAYGCGFKSTKDLHDPLQNLSCGIRILDRWVSRDGRIAGKVDGAWKGGARYWSVLRAGDKTSY
KSIVSWSQNLSICK
;
_entity_poly.pdbx_strand_id   A
#
loop_
_chem_comp.id
_chem_comp.type
_chem_comp.name
_chem_comp.formula
SO4 non-polymer 'SULFATE ION' 'O4 S -2'
#
# COMPACT_ATOMS: atom_id res chain seq x y z
N SER A 73 17.34 10.77 -12.73
CA SER A 73 17.47 9.47 -12.10
C SER A 73 16.84 9.55 -10.70
N ARG A 74 16.30 8.42 -10.27
CA ARG A 74 15.53 8.39 -9.05
C ARG A 74 16.44 8.38 -7.82
N GLU A 75 15.96 8.94 -6.72
CA GLU A 75 16.62 8.87 -5.42
C GLU A 75 16.28 7.58 -4.66
N VAL A 76 15.07 7.06 -4.82
CA VAL A 76 14.58 5.85 -4.10
C VAL A 76 13.96 4.88 -5.13
N ILE A 77 14.40 3.59 -5.06
CA ILE A 77 13.98 2.50 -5.97
C ILE A 77 13.18 1.44 -5.22
N PRO A 78 11.98 1.03 -5.69
CA PRO A 78 11.18 0.06 -4.96
C PRO A 78 11.84 -1.34 -4.88
N LEU A 79 11.50 -2.07 -3.82
CA LEU A 79 12.10 -3.39 -3.52
C LEU A 79 11.75 -4.47 -4.56
N TRP A 80 10.63 -4.35 -5.28
CA TRP A 80 10.28 -5.36 -6.31
C TRP A 80 11.25 -5.35 -7.51
N GLU A 81 12.01 -4.27 -7.72
CA GLU A 81 12.96 -4.27 -8.85
C GLU A 81 14.14 -5.23 -8.61
N ASP A 82 14.39 -5.63 -7.35
CA ASP A 82 15.45 -6.58 -6.97
C ASP A 82 14.99 -8.07 -7.08
N LYS A 83 13.67 -8.31 -7.07
CA LYS A 83 13.06 -9.63 -6.75
C LYS A 83 12.31 -10.25 -7.96
N VAL A 84 11.94 -9.44 -8.95
CA VAL A 84 10.95 -9.81 -9.96
C VAL A 84 11.38 -9.33 -11.35
N ALA A 85 11.27 -10.21 -12.37
CA ALA A 85 11.68 -9.85 -13.75
C ALA A 85 10.97 -8.60 -14.30
N ASP A 86 9.67 -8.47 -13.99
CA ASP A 86 8.80 -7.38 -14.49
C ASP A 86 8.80 -6.19 -13.51
N GLY A 87 9.68 -6.18 -12.49
CA GLY A 87 9.61 -5.15 -11.41
C GLY A 87 9.70 -3.72 -11.94
N LYS A 88 10.53 -3.44 -12.97
CA LYS A 88 10.61 -2.06 -13.50
C LYS A 88 9.27 -1.63 -14.12
N ALA A 89 8.58 -2.55 -14.83
CA ALA A 89 7.25 -2.24 -15.39
C ALA A 89 6.21 -2.01 -14.25
N TRP A 90 6.32 -2.74 -13.13
CA TRP A 90 5.43 -2.47 -11.97
C TRP A 90 5.63 -1.02 -11.49
N SER A 91 6.90 -0.59 -11.35
CA SER A 91 7.21 0.80 -10.92
C SER A 91 6.57 1.83 -11.89
N THR A 92 6.80 1.65 -13.19
CA THR A 92 6.27 2.56 -14.23
C THR A 92 4.74 2.68 -14.10
N HIS A 93 4.06 1.52 -13.92
CA HIS A 93 2.59 1.51 -13.73
C HIS A 93 2.18 2.30 -12.48
N VAL A 94 2.87 2.06 -11.36
CA VAL A 94 2.53 2.72 -10.10
C VAL A 94 2.72 4.24 -10.26
N TYR A 95 3.82 4.71 -10.85
CA TYR A 95 4.04 6.17 -10.98
C TYR A 95 2.91 6.85 -11.79
N SER A 96 2.43 6.18 -12.84
N SER A 96 2.44 6.19 -12.86
N SER A 96 2.39 6.22 -12.85
CA SER A 96 1.34 6.70 -13.67
CA SER A 96 1.32 6.67 -13.69
CA SER A 96 1.30 6.85 -13.62
C SER A 96 -0.02 6.62 -12.95
C SER A 96 0.00 6.65 -12.90
C SER A 96 -0.07 6.65 -12.95
N ALA A 97 -0.28 5.49 -12.30
CA ALA A 97 -1.55 5.27 -11.58
C ALA A 97 -1.68 6.24 -10.38
N LEU A 98 -0.57 6.64 -9.77
CA LEU A 98 -0.62 7.58 -8.65
C LEU A 98 -1.23 8.91 -9.12
N ASP A 99 -0.91 9.38 -10.35
CA ASP A 99 -1.49 10.66 -10.85
C ASP A 99 -3.03 10.56 -10.97
N LYS A 100 -3.54 9.39 -11.38
CA LYS A 100 -4.97 9.22 -11.69
C LYS A 100 -5.79 8.84 -10.43
N LEU A 101 -5.22 7.95 -9.59
CA LEU A 101 -5.92 7.30 -8.46
C LEU A 101 -5.44 7.75 -7.08
N GLY A 102 -4.26 8.38 -7.00
CA GLY A 102 -3.71 8.83 -5.74
C GLY A 102 -3.59 10.35 -5.55
N PRO A 103 -4.37 11.24 -6.23
CA PRO A 103 -4.13 12.69 -6.07
C PRO A 103 -4.39 13.18 -4.63
N ASN A 104 -5.38 12.57 -3.93
CA ASN A 104 -5.66 12.95 -2.54
C ASN A 104 -4.56 12.45 -1.60
N LEU A 105 -4.11 11.19 -1.83
CA LEU A 105 -2.97 10.63 -1.08
C LEU A 105 -1.76 11.59 -1.13
N LEU A 106 -1.47 12.09 -2.34
CA LEU A 106 -0.25 12.91 -2.60
C LEU A 106 -0.39 14.39 -2.18
N ASP A 107 -1.55 14.79 -1.67
CA ASP A 107 -1.79 16.15 -1.08
C ASP A 107 -1.75 16.13 0.45
N VAL A 108 -1.74 14.96 1.09
CA VAL A 108 -1.75 14.90 2.59
C VAL A 108 -0.36 15.28 3.14
N ILE A 109 -0.31 16.03 4.23
CA ILE A 109 0.88 16.17 5.01
C ILE A 109 0.61 15.39 6.33
N PRO A 110 1.10 14.12 6.49
CA PRO A 110 0.59 13.19 7.50
C PRO A 110 0.99 13.55 8.95
N ALA A 111 0.07 13.34 9.92
CA ALA A 111 0.32 13.67 11.33
C ALA A 111 1.42 12.80 11.95
N ASP A 112 1.66 11.61 11.40
CA ASP A 112 2.72 10.69 11.89
C ASP A 112 3.98 10.74 11.00
N ARG A 113 4.23 11.84 10.27
CA ARG A 113 5.50 12.01 9.54
C ARG A 113 6.71 11.95 10.48
N SER A 114 6.61 12.36 11.75
CA SER A 114 7.80 12.31 12.63
C SER A 114 8.29 10.85 12.82
N LEU A 115 7.37 9.89 12.73
CA LEU A 115 7.68 8.45 12.81
C LEU A 115 8.14 7.89 11.45
N PHE A 116 7.32 8.05 10.40
CA PHE A 116 7.57 7.39 9.12
C PHE A 116 8.58 8.11 8.23
N CYS A 117 8.58 9.46 8.21
CA CYS A 117 9.36 10.20 7.20
C CYS A 117 9.57 11.63 7.67
N PRO A 118 10.59 11.87 8.54
CA PRO A 118 10.67 13.16 9.19
C PRO A 118 10.69 14.42 8.28
N LYS A 119 11.28 14.31 7.08
CA LYS A 119 11.38 15.41 6.13
C LYS A 119 10.23 15.42 5.09
N TYR A 120 9.11 14.72 5.36
CA TYR A 120 8.04 14.60 4.37
C TYR A 120 7.59 15.98 3.82
N SER A 121 7.43 16.96 4.71
CA SER A 121 6.89 18.27 4.28
C SER A 121 7.80 18.99 3.28
N SER A 122 9.07 18.57 3.15
CA SER A 122 10.04 19.16 2.19
C SER A 122 10.05 18.47 0.82
N LEU A 123 9.35 17.35 0.67
CA LEU A 123 9.43 16.54 -0.56
C LEU A 123 8.67 17.20 -1.72
N SER A 124 9.23 17.16 -2.94
CA SER A 124 8.54 17.49 -4.19
C SER A 124 7.47 16.43 -4.51
N TYR A 125 6.62 16.76 -5.50
CA TYR A 125 5.64 15.76 -6.00
C TYR A 125 6.36 14.49 -6.47
N ALA A 126 7.39 14.64 -7.31
CA ALA A 126 8.16 13.46 -7.82
C ALA A 126 8.74 12.61 -6.68
N GLN A 127 9.28 13.28 -5.65
CA GLN A 127 9.81 12.57 -4.49
C GLN A 127 8.71 11.83 -3.69
N ARG A 128 7.53 12.47 -3.53
CA ARG A 128 6.41 11.78 -2.82
C ARG A 128 5.99 10.53 -3.62
N LYS A 129 5.97 10.60 -4.96
CA LYS A 129 5.62 9.38 -5.76
C LYS A 129 6.69 8.27 -5.55
N GLN A 130 7.98 8.64 -5.52
CA GLN A 130 9.05 7.66 -5.21
C GLN A 130 8.84 7.04 -3.82
N TYR A 131 8.50 7.86 -2.81
CA TYR A 131 8.26 7.42 -1.44
C TYR A 131 7.14 6.35 -1.40
N TRP A 132 5.98 6.71 -1.99
CA TRP A 132 4.81 5.82 -1.92
C TRP A 132 5.04 4.51 -2.69
N ALA A 133 5.73 4.57 -3.84
CA ALA A 133 6.09 3.28 -4.54
C ALA A 133 6.98 2.39 -3.65
N PHE A 134 7.93 2.97 -2.93
CA PHE A 134 8.77 2.21 -2.02
C PHE A 134 7.94 1.60 -0.88
N VAL A 135 7.09 2.42 -0.21
CA VAL A 135 6.27 1.90 0.90
C VAL A 135 5.35 0.76 0.42
N LEU A 136 4.69 0.95 -0.74
CA LEU A 136 3.88 -0.14 -1.30
C LEU A 136 4.72 -1.42 -1.49
N SER A 137 5.99 -1.30 -1.97
CA SER A 137 6.85 -2.47 -2.19
C SER A 137 7.17 -3.16 -0.86
N SER A 138 7.32 -2.39 0.24
CA SER A 138 7.57 -2.96 1.56
C SER A 138 6.34 -3.72 2.09
N MET A 139 5.13 -3.18 1.80
CA MET A 139 3.89 -3.89 2.16
C MET A 139 3.78 -5.22 1.38
N VAL A 140 4.08 -5.18 0.07
CA VAL A 140 4.10 -6.42 -0.77
C VAL A 140 5.07 -7.46 -0.19
N ARG A 141 6.26 -7.02 0.23
CA ARG A 141 7.27 -7.94 0.80
C ARG A 141 6.62 -8.80 1.90
N PHE A 142 5.87 -8.15 2.81
CA PHE A 142 5.34 -8.88 4.00
C PHE A 142 3.96 -9.52 3.76
N GLU A 143 3.15 -9.00 2.80
CA GLU A 143 1.85 -9.63 2.52
C GLU A 143 2.02 -10.91 1.67
N SER A 144 2.84 -10.84 0.63
CA SER A 144 2.97 -11.96 -0.38
C SER A 144 4.41 -12.38 -0.74
N ASN A 145 5.43 -11.68 -0.25
CA ASN A 145 6.82 -11.93 -0.70
C ASN A 145 6.88 -11.88 -2.23
N PHE A 146 6.14 -10.93 -2.82
CA PHE A 146 6.19 -10.60 -4.27
C PHE A 146 5.56 -11.68 -5.17
N LYS A 147 4.69 -12.53 -4.59
CA LYS A 147 4.04 -13.67 -5.30
C LYS A 147 2.59 -13.29 -5.68
N THR A 148 2.40 -12.91 -6.96
CA THR A 148 1.09 -12.47 -7.47
C THR A 148 0.05 -13.61 -7.41
N ALA A 149 0.49 -14.88 -7.42
CA ALA A 149 -0.46 -16.03 -7.38
C ALA A 149 -0.99 -16.35 -5.97
N MET A 150 -0.47 -15.70 -4.92
N MET A 150 -0.46 -15.71 -4.91
CA MET A 150 -0.79 -16.09 -3.54
CA MET A 150 -0.79 -16.14 -3.56
C MET A 150 -2.29 -15.95 -3.24
C MET A 150 -2.28 -15.95 -3.24
N SER A 151 -2.87 -16.99 -2.64
CA SER A 151 -4.24 -16.92 -2.08
C SER A 151 -4.22 -17.47 -0.64
N TYR A 152 -5.01 -16.84 0.26
CA TYR A 152 -5.09 -17.25 1.69
C TYR A 152 -6.54 -17.18 2.18
N THR A 153 -7.05 -18.28 2.74
CA THR A 153 -8.40 -18.33 3.29
C THR A 153 -8.41 -17.80 4.74
N GLU A 154 -9.16 -16.71 4.94
CA GLU A 154 -9.28 -16.01 6.24
C GLU A 154 -10.27 -16.75 7.16
N ASP A 155 -10.37 -16.28 8.43
CA ASP A 155 -11.22 -16.95 9.44
C ASP A 155 -12.57 -16.23 9.63
N PHE A 156 -12.90 -15.30 8.72
CA PHE A 156 -14.18 -14.53 8.75
C PHE A 156 -14.90 -14.63 7.40
N ASN A 157 -16.22 -14.38 7.38
CA ASN A 157 -17.08 -14.53 6.21
C ASN A 157 -17.24 -13.22 5.42
N ASP A 158 -17.48 -13.41 4.12
CA ASP A 158 -18.06 -12.43 3.24
C ASP A 158 -19.57 -12.34 3.51
N SER A 159 -20.25 -11.43 2.81
CA SER A 159 -21.68 -11.16 3.08
C SER A 159 -22.58 -12.35 2.71
N ASN A 160 -22.08 -13.33 1.93
CA ASN A 160 -22.87 -14.49 1.51
C ASN A 160 -22.60 -15.72 2.39
N GLY A 161 -21.72 -15.61 3.40
CA GLY A 161 -21.41 -16.70 4.32
C GLY A 161 -20.32 -17.67 3.87
N ASN A 162 -19.43 -17.26 2.96
CA ASN A 162 -18.25 -18.01 2.56
C ASN A 162 -17.01 -17.31 3.11
N ARG A 163 -16.01 -18.08 3.60
CA ARG A 163 -14.82 -17.46 4.14
C ARG A 163 -14.14 -16.59 3.06
N VAL A 164 -13.69 -15.40 3.50
CA VAL A 164 -12.96 -14.47 2.62
C VAL A 164 -11.63 -15.09 2.16
N ILE A 165 -11.33 -14.92 0.86
CA ILE A 165 -10.05 -15.33 0.24
C ILE A 165 -9.27 -14.05 -0.12
N SER A 166 -8.10 -13.86 0.51
CA SER A 166 -7.22 -12.75 0.23
C SER A 166 -6.27 -13.13 -0.93
N ARG A 167 -6.04 -12.20 -1.86
CA ARG A 167 -5.39 -12.55 -3.13
C ARG A 167 -4.31 -11.55 -3.57
N GLY A 168 -3.27 -12.11 -4.21
CA GLY A 168 -2.31 -11.28 -4.95
C GLY A 168 -1.31 -10.51 -4.07
N LEU A 169 -0.66 -9.54 -4.71
CA LEU A 169 0.54 -8.87 -4.14
C LEU A 169 0.24 -8.27 -2.75
N LEU A 170 -0.91 -7.56 -2.62
CA LEU A 170 -1.28 -6.85 -1.37
C LEU A 170 -2.38 -7.58 -0.56
N GLN A 171 -2.70 -8.82 -0.96
CA GLN A 171 -3.65 -9.66 -0.19
C GLN A 171 -5.00 -8.90 0.00
N ILE A 172 -5.56 -8.50 -1.14
CA ILE A 172 -6.87 -7.82 -1.25
C ILE A 172 -7.92 -8.88 -1.57
N SER A 173 -9.16 -8.66 -1.13
CA SER A 173 -10.28 -9.56 -1.42
C SER A 173 -11.31 -8.88 -2.32
N ILE A 174 -12.09 -9.69 -3.04
CA ILE A 174 -12.90 -9.13 -4.12
C ILE A 174 -14.06 -8.25 -3.58
N GLU A 175 -14.78 -8.67 -2.53
CA GLU A 175 -15.93 -7.87 -2.03
C GLU A 175 -15.39 -6.55 -1.43
N SER A 176 -14.46 -6.65 -0.49
CA SER A 176 -13.94 -5.45 0.17
C SER A 176 -13.27 -4.52 -0.85
N GLY A 177 -12.48 -5.07 -1.77
CA GLY A 177 -11.80 -4.25 -2.79
C GLY A 177 -12.75 -3.51 -3.71
N ASN A 178 -13.78 -4.21 -4.19
CA ASN A 178 -14.70 -3.62 -5.16
C ASN A 178 -15.52 -2.47 -4.53
N ALA A 179 -15.67 -2.42 -3.19
CA ALA A 179 -16.30 -1.26 -2.50
C ALA A 179 -15.46 0.04 -2.63
N TYR A 180 -14.18 -0.07 -3.04
CA TYR A 180 -13.31 1.11 -3.30
C TYR A 180 -13.32 1.53 -4.78
N GLY A 181 -14.05 0.81 -5.64
CA GLY A 181 -14.14 1.14 -7.06
C GLY A 181 -13.07 0.46 -7.92
N CYS A 182 -12.46 -0.61 -7.40
CA CYS A 182 -11.36 -1.33 -8.03
C CYS A 182 -11.81 -2.01 -9.33
N GLY A 183 -13.11 -2.35 -9.47
CA GLY A 183 -13.65 -2.93 -10.69
C GLY A 183 -13.00 -4.26 -11.09
N PHE A 184 -12.76 -5.15 -10.13
CA PHE A 184 -12.36 -6.54 -10.43
C PHE A 184 -13.54 -7.31 -11.04
N LYS A 185 -13.40 -7.80 -12.27
CA LYS A 185 -14.50 -8.51 -12.97
C LYS A 185 -14.63 -9.96 -12.51
N SER A 186 -13.52 -10.59 -12.11
CA SER A 186 -13.46 -11.97 -11.63
C SER A 186 -12.30 -12.12 -10.66
N THR A 187 -12.23 -13.27 -9.99
CA THR A 187 -11.14 -13.50 -9.03
C THR A 187 -9.77 -13.48 -9.73
N LYS A 188 -9.71 -13.89 -11.00
CA LYS A 188 -8.42 -13.87 -11.74
C LYS A 188 -7.81 -12.45 -11.79
N ASP A 189 -8.66 -11.42 -11.83
CA ASP A 189 -8.19 -10.04 -11.92
C ASP A 189 -7.37 -9.61 -10.69
N LEU A 190 -7.63 -10.20 -9.51
CA LEU A 190 -6.85 -9.85 -8.30
C LEU A 190 -5.41 -10.41 -8.39
N HIS A 191 -5.20 -11.44 -9.23
CA HIS A 191 -3.88 -12.03 -9.45
C HIS A 191 -3.11 -11.31 -10.59
N ASP A 192 -3.71 -10.29 -11.22
CA ASP A 192 -3.04 -9.39 -12.14
C ASP A 192 -2.30 -8.36 -11.30
N PRO A 193 -0.94 -8.33 -11.29
CA PRO A 193 -0.23 -7.46 -10.37
C PRO A 193 -0.55 -5.96 -10.57
N LEU A 194 -0.79 -5.55 -11.82
CA LEU A 194 -1.05 -4.12 -12.08
C LEU A 194 -2.43 -3.72 -11.51
N GLN A 195 -3.45 -4.56 -11.66
CA GLN A 195 -4.78 -4.26 -11.08
C GLN A 195 -4.72 -4.28 -9.55
N ASN A 196 -3.96 -5.22 -8.98
CA ASN A 196 -3.79 -5.32 -7.52
C ASN A 196 -3.15 -4.05 -6.96
N LEU A 197 -2.04 -3.61 -7.58
CA LEU A 197 -1.33 -2.40 -7.10
C LEU A 197 -2.23 -1.16 -7.24
N SER A 198 -2.98 -1.03 -8.34
CA SER A 198 -3.92 0.11 -8.52
C SER A 198 -4.98 0.12 -7.41
N CYS A 199 -5.51 -1.05 -7.05
CA CYS A 199 -6.48 -1.13 -5.93
C CYS A 199 -5.84 -0.69 -4.61
N GLY A 200 -4.58 -1.09 -4.34
CA GLY A 200 -3.90 -0.60 -3.13
C GLY A 200 -3.83 0.92 -3.07
N ILE A 201 -3.53 1.54 -4.22
CA ILE A 201 -3.51 3.02 -4.30
C ILE A 201 -4.89 3.60 -3.95
N ARG A 202 -5.98 3.04 -4.49
CA ARG A 202 -7.34 3.53 -4.17
C ARG A 202 -7.61 3.43 -2.65
N ILE A 203 -7.21 2.35 -1.97
CA ILE A 203 -7.47 2.14 -0.55
C ILE A 203 -6.72 3.20 0.28
N LEU A 204 -5.42 3.42 -0.03
CA LEU A 204 -4.62 4.46 0.64
C LEU A 204 -5.20 5.86 0.36
N ASP A 205 -5.60 6.12 -0.90
CA ASP A 205 -6.14 7.43 -1.28
C ASP A 205 -7.39 7.79 -0.43
N ARG A 206 -8.21 6.82 -0.11
CA ARG A 206 -9.36 7.08 0.73
C ARG A 206 -8.96 7.32 2.17
N TRP A 207 -8.24 6.38 2.80
CA TRP A 207 -8.04 6.46 4.26
C TRP A 207 -6.94 7.44 4.71
N VAL A 208 -5.79 7.48 4.03
CA VAL A 208 -4.75 8.42 4.42
C VAL A 208 -5.29 9.87 4.33
N SER A 209 -6.06 10.15 3.27
N SER A 209 -6.03 10.15 3.25
N SER A 209 -6.13 10.22 3.29
CA SER A 209 -6.64 11.50 3.05
CA SER A 209 -6.65 11.47 3.06
CA SER A 209 -6.72 11.56 3.07
C SER A 209 -7.78 11.83 4.03
C SER A 209 -7.70 11.78 4.14
C SER A 209 -7.86 11.89 4.05
N ARG A 210 -8.61 10.83 4.37
CA ARG A 210 -9.74 11.06 5.34
C ARG A 210 -9.17 11.25 6.75
N ASP A 211 -8.16 10.45 7.12
CA ASP A 211 -7.69 10.39 8.51
C ASP A 211 -6.52 11.36 8.78
N GLY A 212 -5.81 11.78 7.72
CA GLY A 212 -4.69 12.70 7.84
C GLY A 212 -3.40 12.09 8.39
N ARG A 213 -3.23 10.76 8.24
CA ARG A 213 -2.07 10.05 8.80
C ARG A 213 -1.91 8.72 8.07
N ILE A 214 -0.67 8.19 8.12
CA ILE A 214 -0.31 6.94 7.43
C ILE A 214 -0.86 5.69 8.13
N ALA A 215 -0.75 5.67 9.46
CA ALA A 215 -1.15 4.47 10.26
C ALA A 215 -1.49 4.93 11.68
N GLY A 216 -1.38 4.01 12.65
CA GLY A 216 -1.57 4.26 14.10
C GLY A 216 -3.02 4.04 14.57
N LYS A 217 -3.16 3.95 15.89
CA LYS A 217 -4.43 3.75 16.55
C LYS A 217 -4.73 5.02 17.38
N VAL A 218 -5.90 5.62 17.16
CA VAL A 218 -6.30 6.85 17.84
C VAL A 218 -7.69 6.65 18.44
N ASP A 219 -7.81 6.89 19.76
CA ASP A 219 -9.05 6.68 20.51
C ASP A 219 -9.65 5.30 20.20
N GLY A 220 -8.81 4.26 20.19
CA GLY A 220 -9.24 2.86 20.04
C GLY A 220 -9.48 2.39 18.61
N ALA A 221 -9.28 3.26 17.60
CA ALA A 221 -9.59 2.94 16.19
C ALA A 221 -8.33 3.04 15.30
N TRP A 222 -8.08 2.02 14.45
CA TRP A 222 -6.98 2.05 13.48
C TRP A 222 -7.27 3.10 12.39
N LYS A 223 -6.20 3.78 11.93
CA LYS A 223 -6.29 4.90 11.01
C LYS A 223 -5.41 4.68 9.76
N GLY A 224 -5.69 5.44 8.69
CA GLY A 224 -4.90 5.39 7.46
C GLY A 224 -4.85 3.97 6.88
N GLY A 225 -3.67 3.58 6.35
CA GLY A 225 -3.52 2.23 5.76
C GLY A 225 -3.76 1.11 6.77
N ALA A 226 -3.57 1.40 8.07
CA ALA A 226 -3.84 0.37 9.11
C ALA A 226 -5.34 0.02 9.18
N ARG A 227 -6.23 0.84 8.60
CA ARG A 227 -7.67 0.43 8.49
C ARG A 227 -7.80 -0.92 7.72
N TYR A 228 -6.95 -1.15 6.71
CA TYR A 228 -7.10 -2.33 5.81
C TYR A 228 -6.02 -3.41 6.10
N TRP A 229 -4.76 -3.00 6.32
CA TRP A 229 -3.61 -3.97 6.33
C TRP A 229 -3.03 -4.17 7.74
N SER A 230 -2.97 -5.43 8.16
CA SER A 230 -2.38 -5.81 9.45
C SER A 230 -0.89 -5.46 9.56
N VAL A 231 -0.16 -5.49 8.43
CA VAL A 231 1.31 -5.22 8.44
C VAL A 231 1.60 -3.76 8.80
N LEU A 232 0.61 -2.86 8.69
CA LEU A 232 0.75 -1.43 9.07
C LEU A 232 0.29 -1.16 10.52
N ARG A 233 -0.20 -2.17 11.24
CA ARG A 233 -0.68 -2.03 12.64
C ARG A 233 0.49 -2.24 13.62
N ALA A 234 0.75 -1.22 14.44
CA ALA A 234 1.87 -1.19 15.36
C ALA A 234 1.80 -2.40 16.31
N GLY A 235 2.99 -2.98 16.52
CA GLY A 235 3.18 -4.06 17.46
C GLY A 235 4.60 -4.62 17.37
N ASP A 236 4.89 -5.63 18.19
CA ASP A 236 6.23 -6.24 18.23
C ASP A 236 6.28 -7.40 17.25
N LYS A 237 6.28 -7.07 15.96
CA LYS A 237 6.38 -8.05 14.91
C LYS A 237 7.24 -7.50 13.79
N THR A 238 7.83 -8.44 13.07
CA THR A 238 8.89 -8.16 12.16
C THR A 238 8.39 -7.27 11.01
N SER A 239 7.19 -7.53 10.50
CA SER A 239 6.65 -6.78 9.35
C SER A 239 6.57 -5.27 9.65
N TYR A 240 5.81 -4.93 10.70
CA TYR A 240 5.60 -3.50 11.07
C TYR A 240 6.94 -2.84 11.38
N LYS A 241 7.79 -3.50 12.20
CA LYS A 241 9.07 -2.89 12.61
C LYS A 241 9.97 -2.60 11.39
N SER A 242 9.98 -3.52 10.42
CA SER A 242 10.75 -3.39 9.20
C SER A 242 10.22 -2.28 8.28
N ILE A 243 8.90 -2.23 8.08
CA ILE A 243 8.30 -1.19 7.24
C ILE A 243 8.65 0.19 7.80
N VAL A 244 8.48 0.38 9.12
CA VAL A 244 8.77 1.70 9.74
C VAL A 244 10.27 2.04 9.61
N SER A 245 11.18 1.07 9.91
CA SER A 245 12.63 1.28 9.86
C SER A 245 13.08 1.66 8.43
N TRP A 246 12.64 0.87 7.44
CA TRP A 246 13.08 1.12 6.06
C TRP A 246 12.58 2.48 5.58
N SER A 247 11.32 2.84 5.89
CA SER A 247 10.75 4.16 5.52
C SER A 247 11.58 5.32 6.10
N GLN A 248 11.81 5.28 7.42
CA GLN A 248 12.39 6.45 8.11
C GLN A 248 13.89 6.62 7.78
N ASN A 249 14.52 5.57 7.24
CA ASN A 249 15.96 5.61 6.85
C ASN A 249 16.17 5.87 5.34
N LEU A 250 15.11 6.10 4.56
CA LEU A 250 15.29 6.54 3.20
C LEU A 250 16.03 7.88 3.22
N SER A 251 16.96 8.10 2.27
CA SER A 251 17.78 9.32 2.23
C SER A 251 16.89 10.57 2.15
N ILE A 252 15.80 10.48 1.40
CA ILE A 252 14.89 11.63 1.23
C ILE A 252 14.13 11.98 2.52
N CYS A 253 14.00 11.04 3.44
CA CYS A 253 13.19 11.17 4.67
C CYS A 253 14.04 11.66 5.87
N LYS A 254 15.34 11.35 5.85
CA LYS A 254 16.27 11.47 7.03
C LYS A 254 17.14 12.72 6.83
S SO4 B . 0.57 13.97 19.47
O1 SO4 B . -0.53 14.95 19.46
O2 SO4 B . 0.24 12.95 18.42
O3 SO4 B . 1.90 14.68 19.19
O4 SO4 B . 0.68 13.22 20.74
S SO4 C . 17.08 4.88 -12.46
O1 SO4 C . 17.38 5.30 -13.80
O2 SO4 C . 16.73 3.49 -12.37
O3 SO4 C . 16.08 5.77 -12.00
O4 SO4 C . 18.24 4.96 -11.68
#